data_1U1Y
#
_entry.id   1U1Y
#
_cell.length_a   288.610
_cell.length_b   288.610
_cell.length_c   654.680
_cell.angle_alpha   90.00
_cell.angle_beta   90.00
_cell.angle_gamma   120.00
#
_symmetry.space_group_name_H-M   'H 3 2'
#
loop_
_entity.id
_entity.type
_entity.pdbx_description
1 polymer "5'-R(*CP*CP*GP*GP*(2PR)P*GP*GP*AP*UP*CP*AP*CP*CP*AP*CP*GP*G)-3'"
2 polymer 'Coat protein'
3 water water
#
loop_
_entity_poly.entity_id
_entity_poly.type
_entity_poly.pdbx_seq_one_letter_code
_entity_poly.pdbx_strand_id
1 'polyribonucleotide' CCGG(2PR)GGAUCACCACGG R,S
2 'polypeptide(L)'
;ASNFTQFVLVDNGGTGDVTVAPSNFANGVAEWISSNSRSQAYKVTCSVRQSSAQNRKYTIKVEVPKVATQTVGGVELPVA
AWRSYLNMELTIPIFATNSDCELIVKAMQGLLKDGNPIPSAIAANSGIY
;
A,B,C
#
loop_
_chem_comp.id
_chem_comp.type
_chem_comp.name
_chem_comp.formula
2PR DNA linking 2-AMINO-9-[2-DEOXYRIBOFURANOSYL]-9H-PURINE-5'-MONOPHOSPHATE 'C10 H14 N5 O6 P'
A RNA linking ADENOSINE-5'-MONOPHOSPHATE 'C10 H14 N5 O7 P'
C RNA linking CYTIDINE-5'-MONOPHOSPHATE 'C9 H14 N3 O8 P'
G RNA linking GUANOSINE-5'-MONOPHOSPHATE 'C10 H14 N5 O8 P'
U RNA linking URIDINE-5'-MONOPHOSPHATE 'C9 H13 N2 O9 P'
#
# COMPACT_ATOMS: atom_id res chain seq x y z
P 2PR A 5 7.43 23.20 -23.26
OP1 2PR A 5 8.64 23.99 -22.97
OP2 2PR A 5 7.07 22.05 -22.37
O5' 2PR A 5 6.19 24.21 -23.28
C5' 2PR A 5 4.87 23.80 -23.63
C4' 2PR A 5 4.19 24.96 -24.29
O4' 2PR A 5 4.27 26.08 -23.38
C3' 2PR A 5 4.83 25.42 -25.60
O3' 2PR A 5 4.01 24.97 -26.68
C2' 2PR A 5 4.64 26.93 -25.54
C1' 2PR A 5 4.67 27.25 -24.05
N9 2PR A 5 6.03 27.48 -23.57
C8 2PR A 5 7.21 27.37 -24.27
N7 2PR A 5 8.28 27.58 -23.55
C5 2PR A 5 7.78 27.87 -22.28
C6 2PR A 5 8.41 28.17 -21.07
N1 2PR A 5 7.61 28.39 -19.99
C2 2PR A 5 6.27 28.32 -20.13
N2 2PR A 5 5.59 28.57 -19.01
N3 2PR A 5 5.58 28.04 -21.24
C4 2PR A 5 6.40 27.82 -22.28
P 2PR B 5 -24.81 -17.97 -15.46
OP1 2PR B 5 -25.99 -17.06 -15.54
OP2 2PR B 5 -23.48 -17.42 -15.11
O5' 2PR B 5 -25.16 -19.13 -14.43
C5' 2PR B 5 -24.25 -20.22 -14.19
C4' 2PR B 5 -25.05 -21.48 -13.96
O4' 2PR B 5 -26.06 -21.16 -12.98
C3' 2PR B 5 -25.81 -22.04 -15.16
O3' 2PR B 5 -25.12 -23.20 -15.62
C2' 2PR B 5 -27.06 -22.61 -14.53
C1' 2PR B 5 -27.30 -21.74 -13.31
N9 2PR B 5 -28.20 -20.62 -13.60
C8 2PR B 5 -28.83 -20.34 -14.79
N7 2PR B 5 -29.54 -19.24 -14.75
C5 2PR B 5 -29.38 -18.77 -13.46
C6 2PR B 5 -29.87 -17.65 -12.80
N1 2PR B 5 -29.51 -17.46 -11.51
C2 2PR B 5 -28.69 -18.36 -10.92
N2 2PR B 5 -28.40 -18.09 -9.65
N3 2PR B 5 -28.17 -19.46 -11.46
C4 2PR B 5 -28.55 -19.61 -12.74
N ALA C 1 3.62 7.11 11.59
CA ALA C 1 2.20 7.46 11.29
C ALA C 1 1.80 6.96 9.89
N SER C 2 1.27 7.86 9.09
CA SER C 2 0.85 7.56 7.72
C SER C 2 0.43 8.90 7.17
N ASN C 3 0.88 9.25 5.98
CA ASN C 3 0.52 10.54 5.42
C ASN C 3 -0.64 10.41 4.45
N PHE C 4 -1.14 9.18 4.28
CA PHE C 4 -2.27 8.95 3.38
C PHE C 4 -3.56 9.26 4.12
N THR C 5 -3.81 10.55 4.34
CA THR C 5 -5.01 10.97 5.05
C THR C 5 -5.86 11.91 4.22
N GLN C 6 -7.08 12.17 4.69
CA GLN C 6 -7.96 13.06 3.97
C GLN C 6 -7.57 14.48 4.32
N PHE C 7 -7.87 15.41 3.42
CA PHE C 7 -7.55 16.81 3.62
C PHE C 7 -8.57 17.64 2.85
N VAL C 8 -8.68 18.93 3.18
CA VAL C 8 -9.65 19.75 2.46
C VAL C 8 -8.93 20.39 1.27
N LEU C 9 -9.47 20.11 0.09
CA LEU C 9 -8.92 20.61 -1.16
C LEU C 9 -9.34 22.05 -1.41
N VAL C 10 -10.62 22.33 -1.20
CA VAL C 10 -11.15 23.68 -1.41
C VAL C 10 -11.65 24.22 -0.09
N ASP C 11 -10.92 25.19 0.46
CA ASP C 11 -11.31 25.80 1.73
C ASP C 11 -12.28 26.94 1.49
N ASN C 12 -13.52 26.75 1.91
CA ASN C 12 -14.55 27.77 1.76
C ASN C 12 -15.01 28.28 3.11
N GLY C 13 -14.13 28.22 4.10
CA GLY C 13 -14.45 28.70 5.43
C GLY C 13 -15.46 27.86 6.17
N GLY C 14 -15.14 26.58 6.37
CA GLY C 14 -16.04 25.69 7.10
C GLY C 14 -17.37 25.33 6.45
N THR C 15 -17.86 26.15 5.53
CA THR C 15 -19.15 25.87 4.88
C THR C 15 -19.01 25.82 3.36
N GLY C 16 -19.24 24.65 2.79
CA GLY C 16 -19.12 24.48 1.36
C GLY C 16 -17.72 23.98 1.03
N ASP C 17 -17.02 23.53 2.07
CA ASP C 17 -15.67 23.02 1.96
C ASP C 17 -15.62 21.71 1.19
N VAL C 18 -14.70 21.60 0.24
CA VAL C 18 -14.56 20.35 -0.50
C VAL C 18 -13.41 19.56 0.12
N THR C 19 -13.76 18.53 0.86
CA THR C 19 -12.75 17.68 1.48
C THR C 19 -12.63 16.42 0.62
N VAL C 20 -11.41 15.93 0.51
CA VAL C 20 -11.11 14.77 -0.31
C VAL C 20 -10.48 13.66 0.55
N ALA C 21 -10.82 12.40 0.30
CA ALA C 21 -10.30 11.30 1.12
C ALA C 21 -9.68 10.12 0.36
N PRO C 22 -8.77 9.38 1.02
CA PRO C 22 -8.10 8.24 0.39
C PRO C 22 -9.12 7.27 -0.18
N SER C 23 -8.89 6.81 -1.41
CA SER C 23 -9.81 5.88 -2.04
C SER C 23 -9.15 4.75 -2.79
N ASN C 24 -7.83 4.82 -2.99
CA ASN C 24 -7.14 3.76 -3.70
C ASN C 24 -5.63 3.92 -3.70
N PHE C 25 -4.92 2.80 -3.77
CA PHE C 25 -3.47 2.81 -3.80
C PHE C 25 -2.98 1.72 -4.75
N ALA C 26 -3.90 1.20 -5.56
CA ALA C 26 -3.56 0.15 -6.51
C ALA C 26 -2.50 0.64 -7.48
N ASN C 27 -1.52 -0.21 -7.74
CA ASN C 27 -0.42 0.10 -8.66
C ASN C 27 0.43 1.30 -8.28
N GLY C 28 0.61 1.52 -6.98
CA GLY C 28 1.44 2.62 -6.54
C GLY C 28 0.94 4.03 -6.82
N VAL C 29 -0.33 4.17 -7.17
CA VAL C 29 -0.87 5.50 -7.43
C VAL C 29 -1.87 5.82 -6.32
N ALA C 30 -1.47 6.73 -5.43
CA ALA C 30 -2.34 7.12 -4.34
C ALA C 30 -3.48 7.97 -4.92
N GLU C 31 -4.71 7.66 -4.53
CA GLU C 31 -5.87 8.39 -5.02
C GLU C 31 -6.78 8.88 -3.90
N TRP C 32 -7.33 10.07 -4.10
CA TRP C 32 -8.26 10.70 -3.16
C TRP C 32 -9.45 11.15 -4.00
N ILE C 33 -10.65 11.10 -3.44
CA ILE C 33 -11.84 11.56 -4.15
C ILE C 33 -12.78 12.20 -3.17
N SER C 34 -13.60 13.14 -3.65
CA SER C 34 -14.56 13.83 -2.80
C SER C 34 -15.72 12.88 -2.57
N SER C 35 -16.50 13.15 -1.53
CA SER C 35 -17.65 12.31 -1.20
C SER C 35 -18.79 12.50 -2.19
N ASN C 36 -18.59 12.04 -3.42
CA ASN C 36 -19.60 12.18 -4.46
C ASN C 36 -19.71 10.91 -5.27
N SER C 37 -20.59 10.93 -6.26
CA SER C 37 -20.74 9.80 -7.15
C SER C 37 -19.44 9.90 -7.96
N ARG C 38 -18.92 8.76 -8.37
CA ARG C 38 -17.67 8.74 -9.11
C ARG C 38 -17.71 9.63 -10.37
N SER C 39 -18.90 9.91 -10.89
CA SER C 39 -19.02 10.74 -12.08
C SER C 39 -18.99 12.25 -11.79
N GLN C 40 -19.11 12.61 -10.51
CA GLN C 40 -19.11 14.02 -10.13
C GLN C 40 -18.04 14.37 -9.11
N ALA C 41 -17.20 13.41 -8.78
CA ALA C 41 -16.18 13.64 -7.77
C ALA C 41 -14.94 14.42 -8.17
N TYR C 42 -14.32 15.05 -7.17
CA TYR C 42 -13.08 15.77 -7.35
C TYR C 42 -12.07 14.63 -7.24
N LYS C 43 -11.01 14.67 -8.04
CA LYS C 43 -10.04 13.60 -7.97
C LYS C 43 -8.62 14.13 -7.81
N VAL C 44 -7.85 13.46 -6.96
CA VAL C 44 -6.46 13.84 -6.73
C VAL C 44 -5.63 12.56 -6.69
N THR C 45 -4.57 12.51 -7.50
CA THR C 45 -3.69 11.34 -7.52
C THR C 45 -2.25 11.78 -7.39
N CYS C 46 -1.43 10.89 -6.83
CA CYS C 46 -0.03 11.19 -6.63
C CYS C 46 0.80 9.92 -6.74
N SER C 47 2.03 10.05 -7.20
CA SER C 47 2.94 8.92 -7.33
C SER C 47 4.38 9.38 -7.46
N VAL C 48 5.31 8.58 -6.93
CA VAL C 48 6.74 8.89 -6.99
C VAL C 48 7.44 7.75 -7.66
N ARG C 49 8.46 8.05 -8.43
CA ARG C 49 9.23 7.01 -9.08
C ARG C 49 10.66 7.50 -9.23
N GLN C 50 11.59 6.56 -9.27
CA GLN C 50 12.99 6.90 -9.44
C GLN C 50 13.22 7.02 -10.95
N SER C 51 12.71 8.11 -11.52
CA SER C 51 12.80 8.37 -12.96
C SER C 51 14.16 8.06 -13.60
N SER C 52 15.23 8.54 -12.99
CA SER C 52 16.57 8.30 -13.51
C SER C 52 17.42 7.71 -12.40
N ALA C 53 18.70 7.53 -12.68
CA ALA C 53 19.60 6.98 -11.70
C ALA C 53 19.87 8.02 -10.62
N GLN C 54 19.80 9.30 -10.98
CA GLN C 54 20.09 10.34 -10.02
C GLN C 54 19.00 11.31 -9.59
N ASN C 55 17.74 10.96 -9.83
CA ASN C 55 16.66 11.81 -9.37
C ASN C 55 15.31 11.14 -9.35
N ARG C 56 14.40 11.70 -8.57
CA ARG C 56 13.06 11.16 -8.43
C ARG C 56 12.04 12.11 -9.04
N LYS C 57 10.92 11.54 -9.46
CA LYS C 57 9.88 12.32 -10.09
C LYS C 57 8.53 12.09 -9.43
N TYR C 58 7.90 13.19 -9.03
CA TYR C 58 6.58 13.14 -8.41
C TYR C 58 5.59 13.50 -9.50
N THR C 59 4.53 12.72 -9.64
CA THR C 59 3.52 13.01 -10.65
C THR C 59 2.19 13.20 -9.93
N ILE C 60 1.68 14.42 -9.98
CA ILE C 60 0.44 14.77 -9.32
C ILE C 60 -0.64 15.18 -10.31
N LYS C 61 -1.88 14.78 -10.04
CA LYS C 61 -3.00 15.11 -10.90
C LYS C 61 -4.19 15.55 -10.06
N VAL C 62 -4.91 16.57 -10.54
CA VAL C 62 -6.08 17.07 -9.84
C VAL C 62 -7.18 17.33 -10.86
N GLU C 63 -8.40 16.90 -10.56
CA GLU C 63 -9.53 17.10 -11.46
C GLU C 63 -10.64 17.85 -10.75
N VAL C 64 -10.98 19.03 -11.25
CA VAL C 64 -12.04 19.84 -10.66
C VAL C 64 -13.26 19.77 -11.59
N PRO C 65 -14.36 19.18 -11.10
CA PRO C 65 -15.58 19.04 -11.90
C PRO C 65 -16.58 20.19 -11.78
N LYS C 66 -17.35 20.36 -12.85
CA LYS C 66 -18.42 21.35 -12.90
C LYS C 66 -19.67 20.46 -12.90
N VAL C 67 -20.20 20.20 -11.70
CA VAL C 67 -21.36 19.33 -11.55
C VAL C 67 -22.66 19.82 -12.20
N ALA C 68 -23.40 18.87 -12.76
CA ALA C 68 -24.66 19.16 -13.43
C ALA C 68 -25.54 17.92 -13.42
N THR C 69 -26.82 18.10 -13.75
CA THR C 69 -27.77 17.00 -13.81
C THR C 69 -28.23 16.91 -15.26
N GLN C 70 -27.89 15.81 -15.90
CA GLN C 70 -28.25 15.63 -17.30
C GLN C 70 -29.38 14.63 -17.47
N THR C 71 -30.21 14.85 -18.49
CA THR C 71 -31.33 13.98 -18.78
C THR C 71 -31.07 13.13 -20.02
N VAL C 72 -30.68 11.89 -19.80
CA VAL C 72 -30.40 10.96 -20.89
C VAL C 72 -31.52 9.92 -20.97
N GLY C 73 -32.19 9.88 -22.12
CA GLY C 73 -33.27 8.92 -22.29
C GLY C 73 -34.45 9.19 -21.38
N GLY C 74 -34.69 10.46 -21.08
CA GLY C 74 -35.80 10.82 -20.21
C GLY C 74 -35.55 10.58 -18.74
N VAL C 75 -34.31 10.23 -18.40
CA VAL C 75 -33.92 9.97 -17.01
C VAL C 75 -32.81 10.92 -16.56
N GLU C 76 -32.91 11.42 -15.33
CA GLU C 76 -31.90 12.32 -14.79
C GLU C 76 -30.73 11.61 -14.13
N LEU C 77 -29.52 11.99 -14.52
CA LEU C 77 -28.30 11.39 -13.97
C LEU C 77 -27.30 12.43 -13.49
N PRO C 78 -26.57 12.12 -12.40
CA PRO C 78 -25.57 13.08 -11.90
C PRO C 78 -24.32 12.97 -12.78
N VAL C 79 -23.95 14.09 -13.41
CA VAL C 79 -22.80 14.13 -14.30
C VAL C 79 -21.96 15.38 -14.05
N ALA C 80 -20.96 15.57 -14.90
CA ALA C 80 -20.09 16.74 -14.81
C ALA C 80 -20.17 17.43 -16.18
N ALA C 81 -20.59 18.70 -16.20
CA ALA C 81 -20.69 19.42 -17.47
C ALA C 81 -19.33 19.41 -18.16
N TRP C 82 -18.28 19.59 -17.38
CA TRP C 82 -16.92 19.58 -17.88
C TRP C 82 -15.98 19.46 -16.70
N ARG C 83 -14.71 19.27 -16.98
CA ARG C 83 -13.70 19.13 -15.93
C ARG C 83 -12.46 19.95 -16.23
N SER C 84 -11.84 20.45 -15.19
CA SER C 84 -10.60 21.21 -15.35
C SER C 84 -9.52 20.22 -14.91
N TYR C 85 -8.45 20.10 -15.68
CA TYR C 85 -7.38 19.15 -15.36
C TYR C 85 -6.03 19.78 -15.06
N LEU C 86 -5.47 19.44 -13.91
CA LEU C 86 -4.16 19.94 -13.52
C LEU C 86 -3.20 18.76 -13.50
N ASN C 87 -2.13 18.87 -14.28
CA ASN C 87 -1.13 17.81 -14.34
C ASN C 87 0.21 18.41 -14.02
N MET C 88 0.87 17.89 -12.98
CA MET C 88 2.18 18.41 -12.65
C MET C 88 3.24 17.35 -12.39
N GLU C 89 4.46 17.66 -12.78
CA GLU C 89 5.60 16.77 -12.61
C GLU C 89 6.69 17.53 -11.90
N LEU C 90 7.24 16.93 -10.85
CA LEU C 90 8.29 17.56 -10.09
C LEU C 90 9.51 16.64 -10.03
N THR C 91 10.63 17.09 -10.61
CA THR C 91 11.85 16.29 -10.62
C THR C 91 12.86 16.84 -9.61
N ILE C 92 13.19 16.02 -8.62
CA ILE C 92 14.12 16.40 -7.55
C ILE C 92 15.35 15.51 -7.52
N PRO C 93 16.56 16.12 -7.54
CA PRO C 93 17.78 15.29 -7.51
C PRO C 93 17.90 14.55 -6.18
N ILE C 94 18.51 13.36 -6.21
CA ILE C 94 18.67 12.56 -5.00
C ILE C 94 19.57 13.21 -3.96
N PHE C 95 20.33 14.23 -4.38
CA PHE C 95 21.24 14.94 -3.47
C PHE C 95 20.54 16.02 -2.66
N ALA C 96 19.24 16.20 -2.89
CA ALA C 96 18.48 17.20 -2.16
C ALA C 96 18.21 16.72 -0.74
N THR C 97 18.55 17.54 0.23
CA THR C 97 18.32 17.20 1.64
C THR C 97 16.87 17.56 1.96
N ASN C 98 16.46 17.33 3.19
CA ASN C 98 15.09 17.65 3.57
C ASN C 98 14.85 19.15 3.52
N SER C 99 15.86 19.94 3.91
CA SER C 99 15.72 21.38 3.89
C SER C 99 15.62 21.86 2.44
N ASP C 100 16.35 21.19 1.55
CA ASP C 100 16.34 21.54 0.13
C ASP C 100 14.92 21.34 -0.38
N CYS C 101 14.27 20.27 0.09
CA CYS C 101 12.91 19.95 -0.32
C CYS C 101 11.84 20.87 0.25
N GLU C 102 12.06 21.37 1.46
CA GLU C 102 11.10 22.29 2.08
C GLU C 102 11.08 23.57 1.26
N LEU C 103 12.23 23.88 0.69
CA LEU C 103 12.42 25.06 -0.14
C LEU C 103 11.50 24.96 -1.35
N ILE C 104 11.46 23.78 -1.94
CA ILE C 104 10.63 23.54 -3.10
C ILE C 104 9.17 23.72 -2.72
N VAL C 105 8.76 23.14 -1.60
CA VAL C 105 7.37 23.27 -1.16
C VAL C 105 6.98 24.72 -0.90
N LYS C 106 7.88 25.49 -0.28
CA LYS C 106 7.59 26.88 0.02
C LYS C 106 7.46 27.69 -1.28
N ALA C 107 8.30 27.39 -2.26
CA ALA C 107 8.25 28.09 -3.54
C ALA C 107 6.92 27.83 -4.23
N MET C 108 6.45 26.59 -4.19
CA MET C 108 5.18 26.25 -4.82
C MET C 108 4.03 26.95 -4.12
N GLN C 109 4.14 27.07 -2.81
CA GLN C 109 3.11 27.74 -2.02
C GLN C 109 3.11 29.23 -2.32
N GLY C 110 4.30 29.81 -2.46
CA GLY C 110 4.41 31.22 -2.75
C GLY C 110 3.87 31.53 -4.13
N LEU C 111 4.14 30.63 -5.07
CA LEU C 111 3.69 30.79 -6.44
C LEU C 111 2.19 31.04 -6.56
N LEU C 112 1.40 30.33 -5.76
CA LEU C 112 -0.05 30.44 -5.81
C LEU C 112 -0.72 31.28 -4.72
N LYS C 113 0.07 31.97 -3.92
CA LYS C 113 -0.50 32.78 -2.86
C LYS C 113 -1.44 33.84 -3.45
N ASP C 114 -2.56 34.07 -2.77
CA ASP C 114 -3.54 35.05 -3.21
C ASP C 114 -2.89 36.41 -3.49
N GLY C 115 -3.23 37.01 -4.61
CA GLY C 115 -2.66 38.30 -4.93
C GLY C 115 -1.45 38.27 -5.83
N ASN C 116 -0.74 37.14 -5.87
CA ASN C 116 0.43 37.03 -6.70
C ASN C 116 0.03 36.97 -8.18
N PRO C 117 0.96 37.28 -9.09
CA PRO C 117 0.69 37.28 -10.53
C PRO C 117 -0.07 36.10 -11.13
N ILE C 118 0.52 34.90 -11.08
CA ILE C 118 -0.10 33.72 -11.67
C ILE C 118 -1.53 33.44 -11.18
N PRO C 119 -1.74 33.28 -9.87
CA PRO C 119 -3.13 33.00 -9.44
C PRO C 119 -4.10 34.11 -9.87
N SER C 120 -3.60 35.33 -9.95
CA SER C 120 -4.42 36.47 -10.35
C SER C 120 -4.89 36.34 -11.79
N ALA C 121 -3.95 36.03 -12.67
CA ALA C 121 -4.27 35.87 -14.08
C ALA C 121 -5.25 34.74 -14.31
N ILE C 122 -5.00 33.59 -13.70
CA ILE C 122 -5.87 32.44 -13.85
C ILE C 122 -7.31 32.75 -13.43
N ALA C 123 -7.46 33.39 -12.29
CA ALA C 123 -8.80 33.72 -11.78
C ALA C 123 -9.51 34.80 -12.58
N ALA C 124 -8.79 35.50 -13.45
CA ALA C 124 -9.40 36.57 -14.23
C ALA C 124 -9.51 36.21 -15.70
N ASN C 125 -9.26 34.94 -16.04
CA ASN C 125 -9.34 34.51 -17.42
C ASN C 125 -8.47 35.38 -18.31
N SER C 126 -7.23 35.59 -17.90
CA SER C 126 -6.33 36.42 -18.68
C SER C 126 -4.90 35.90 -18.63
N GLY C 127 -4.02 36.55 -19.38
CA GLY C 127 -2.62 36.16 -19.39
C GLY C 127 -1.85 37.13 -18.51
N ILE C 128 -0.53 37.10 -18.60
CA ILE C 128 0.30 38.00 -17.82
C ILE C 128 0.74 39.14 -18.74
N TYR C 129 0.76 40.35 -18.19
CA TYR C 129 1.15 41.52 -18.98
C TYR C 129 1.38 42.74 -18.10
N ALA D 1 -0.88 -6.89 13.72
CA ALA D 1 -1.02 -5.77 14.68
C ALA D 1 -0.83 -4.43 13.95
N SER D 2 0.11 -4.44 13.00
CA SER D 2 0.52 -3.31 12.17
C SER D 2 1.98 -3.12 12.53
N ASN D 3 2.84 -3.74 11.74
CA ASN D 3 4.27 -3.70 11.97
C ASN D 3 5.00 -2.60 11.22
N PHE D 4 4.30 -1.89 10.33
CA PHE D 4 4.94 -0.84 9.55
C PHE D 4 5.19 0.42 10.38
N THR D 5 6.17 0.34 11.28
CA THR D 5 6.52 1.44 12.15
C THR D 5 8.02 1.71 12.09
N GLN D 6 8.44 2.85 12.59
CA GLN D 6 9.85 3.19 12.58
C GLN D 6 10.60 2.32 13.59
N PHE D 7 11.90 2.14 13.36
CA PHE D 7 12.71 1.34 14.25
C PHE D 7 14.17 1.77 14.16
N VAL D 8 14.98 1.28 15.09
CA VAL D 8 16.39 1.61 15.11
C VAL D 8 17.17 0.62 14.28
N LEU D 9 17.78 1.11 13.21
CA LEU D 9 18.55 0.26 12.31
C LEU D 9 19.95 0.09 12.83
N VAL D 10 20.57 1.19 13.27
CA VAL D 10 21.92 1.15 13.80
C VAL D 10 21.89 1.59 15.26
N ASP D 11 22.11 0.65 16.16
CA ASP D 11 22.13 0.93 17.58
C ASP D 11 23.53 1.30 18.03
N ASN D 12 23.72 2.57 18.39
CA ASN D 12 25.01 3.05 18.85
C ASN D 12 24.95 3.42 20.32
N GLY D 13 24.08 2.74 21.05
CA GLY D 13 23.95 3.00 22.47
C GLY D 13 23.29 4.33 22.77
N GLY D 14 22.05 4.50 22.33
CA GLY D 14 21.32 5.73 22.57
C GLY D 14 21.80 7.02 21.90
N THR D 15 23.11 7.24 21.92
CA THR D 15 23.66 8.45 21.31
C THR D 15 24.35 8.15 19.97
N GLY D 16 23.76 8.66 18.90
CA GLY D 16 24.31 8.43 17.57
C GLY D 16 23.57 7.31 16.87
N ASP D 17 22.39 6.97 17.39
CA ASP D 17 21.57 5.91 16.81
C ASP D 17 21.01 6.35 15.48
N VAL D 18 20.81 5.40 14.58
CA VAL D 18 20.23 5.72 13.28
C VAL D 18 18.85 5.09 13.25
N THR D 19 17.84 5.95 13.19
CA THR D 19 16.46 5.48 13.15
C THR D 19 16.00 5.56 11.71
N VAL D 20 15.19 4.60 11.33
CA VAL D 20 14.69 4.54 9.98
C VAL D 20 13.15 4.55 10.10
N ALA D 21 12.48 5.33 9.26
CA ALA D 21 11.03 5.43 9.33
C ALA D 21 10.28 5.23 8.01
N PRO D 22 9.01 4.77 8.10
CA PRO D 22 8.15 4.53 6.92
C PRO D 22 8.16 5.70 5.95
N SER D 23 8.42 5.41 4.68
CA SER D 23 8.48 6.47 3.67
C SER D 23 7.75 6.14 2.36
N ASN D 24 7.30 4.90 2.20
CA ASN D 24 6.59 4.52 0.99
C ASN D 24 5.95 3.15 1.10
N PHE D 25 4.83 2.96 0.43
CA PHE D 25 4.13 1.68 0.44
C PHE D 25 3.57 1.35 -0.94
N ALA D 26 4.14 2.00 -1.96
CA ALA D 26 3.69 1.77 -3.32
C ALA D 26 3.91 0.33 -3.76
N ASN D 27 2.87 -0.25 -4.34
CA ASN D 27 2.90 -1.63 -4.84
C ASN D 27 3.18 -2.71 -3.83
N GLY D 28 2.80 -2.47 -2.58
CA GLY D 28 3.01 -3.48 -1.55
C GLY D 28 4.44 -3.53 -1.01
N VAL D 29 5.36 -2.79 -1.63
CA VAL D 29 6.73 -2.77 -1.16
C VAL D 29 6.89 -1.70 -0.08
N ALA D 30 7.14 -2.14 1.15
CA ALA D 30 7.32 -1.23 2.27
C ALA D 30 8.72 -0.64 2.24
N GLU D 31 8.82 0.66 2.51
CA GLU D 31 10.10 1.33 2.52
C GLU D 31 10.30 2.19 3.76
N TRP D 32 11.53 2.22 4.24
CA TRP D 32 11.92 3.01 5.41
C TRP D 32 13.21 3.75 5.04
N ILE D 33 13.36 4.98 5.49
CA ILE D 33 14.60 5.72 5.23
C ILE D 33 14.94 6.61 6.40
N SER D 34 16.21 6.97 6.52
CA SER D 34 16.67 7.84 7.58
C SER D 34 16.44 9.28 7.15
N SER D 35 16.68 10.22 8.05
CA SER D 35 16.49 11.64 7.78
C SER D 35 17.69 12.23 7.04
N ASN D 36 17.82 11.92 5.76
CA ASN D 36 18.93 12.42 4.96
C ASN D 36 18.46 12.65 3.54
N SER D 37 19.37 13.16 2.71
CA SER D 37 19.07 13.35 1.30
C SER D 37 18.99 11.91 0.85
N ARG D 38 18.22 11.61 -0.18
CA ARG D 38 18.10 10.23 -0.60
C ARG D 38 19.42 9.62 -1.07
N SER D 39 20.42 10.46 -1.34
CA SER D 39 21.72 9.96 -1.79
C SER D 39 22.61 9.54 -0.63
N GLN D 40 22.24 9.95 0.59
CA GLN D 40 23.03 9.62 1.77
C GLN D 40 22.23 8.90 2.85
N ALA D 41 20.98 8.55 2.54
CA ALA D 41 20.12 7.88 3.51
C ALA D 41 20.35 6.40 3.68
N TYR D 42 19.84 5.87 4.79
CA TYR D 42 19.89 4.44 5.07
C TYR D 42 18.53 4.03 4.54
N LYS D 43 18.49 3.05 3.65
CA LYS D 43 17.20 2.64 3.10
C LYS D 43 16.93 1.18 3.34
N VAL D 44 15.67 0.85 3.60
CA VAL D 44 15.25 -0.52 3.84
C VAL D 44 13.91 -0.77 3.17
N THR D 45 13.83 -1.82 2.35
CA THR D 45 12.58 -2.17 1.68
C THR D 45 12.32 -3.66 1.92
N CYS D 46 11.06 -4.04 1.98
CA CYS D 46 10.70 -5.43 2.23
C CYS D 46 9.41 -5.79 1.50
N SER D 47 9.29 -7.04 1.07
CA SER D 47 8.10 -7.50 0.37
C SER D 47 8.00 -9.02 0.36
N VAL D 48 6.76 -9.52 0.33
CA VAL D 48 6.51 -10.96 0.31
C VAL D 48 5.68 -11.32 -0.91
N ARG D 49 5.91 -12.51 -1.42
CA ARG D 49 5.17 -12.98 -2.56
C ARG D 49 5.23 -14.49 -2.60
N GLN D 50 4.31 -15.09 -3.35
CA GLN D 50 4.29 -16.54 -3.50
C GLN D 50 5.07 -16.79 -4.78
N SER D 51 6.36 -17.10 -4.66
CA SER D 51 7.22 -17.33 -5.82
C SER D 51 6.76 -18.48 -6.69
N SER D 52 6.25 -19.53 -6.04
CA SER D 52 5.79 -20.70 -6.75
C SER D 52 4.72 -21.40 -5.94
N ALA D 53 4.24 -22.54 -6.42
CA ALA D 53 3.19 -23.28 -5.75
C ALA D 53 3.54 -23.71 -4.33
N GLN D 54 4.79 -24.12 -4.11
CA GLN D 54 5.22 -24.59 -2.79
C GLN D 54 6.00 -23.59 -1.95
N ASN D 55 6.38 -22.47 -2.54
CA ASN D 55 7.19 -21.49 -1.80
C ASN D 55 6.64 -20.08 -1.69
N ARG D 56 6.98 -19.45 -0.57
CA ARG D 56 6.64 -18.05 -0.32
C ARG D 56 8.04 -17.45 -0.30
N LYS D 57 8.17 -16.18 -0.69
CA LYS D 57 9.49 -15.58 -0.76
C LYS D 57 9.52 -14.13 -0.30
N TYR D 58 10.45 -13.82 0.61
CA TYR D 58 10.62 -12.47 1.12
C TYR D 58 11.82 -11.86 0.43
N THR D 59 11.68 -10.60 -0.01
CA THR D 59 12.81 -9.93 -0.63
C THR D 59 13.07 -8.72 0.25
N ILE D 60 14.27 -8.66 0.81
CA ILE D 60 14.66 -7.56 1.68
C ILE D 60 15.89 -6.87 1.11
N LYS D 61 15.84 -5.54 1.05
CA LYS D 61 16.95 -4.78 0.52
C LYS D 61 17.34 -3.71 1.54
N VAL D 62 18.65 -3.49 1.67
CA VAL D 62 19.16 -2.49 2.59
C VAL D 62 20.29 -1.70 1.90
N GLU D 63 20.28 -0.39 2.04
CA GLU D 63 21.33 0.45 1.47
C GLU D 63 22.00 1.20 2.61
N VAL D 64 23.32 1.11 2.69
CA VAL D 64 24.07 1.78 3.76
C VAL D 64 25.07 2.77 3.17
N PRO D 65 25.07 4.02 3.65
CA PRO D 65 25.99 5.04 3.15
C PRO D 65 27.41 4.92 3.69
N LYS D 66 28.39 5.32 2.88
CA LYS D 66 29.78 5.32 3.32
C LYS D 66 29.84 6.64 4.10
N VAL D 67 30.25 6.56 5.34
CA VAL D 67 30.30 7.75 6.19
C VAL D 67 31.66 8.44 6.31
N ALA D 68 32.75 7.66 6.30
CA ALA D 68 34.08 8.24 6.41
C ALA D 68 34.35 9.28 5.30
N THR D 69 34.70 10.50 5.70
CA THR D 69 35.00 11.63 4.81
C THR D 69 33.78 12.14 4.04
N GLN D 70 32.59 11.75 4.50
CA GLN D 70 31.35 12.16 3.87
C GLN D 70 31.11 13.66 4.11
N THR D 71 30.40 14.31 3.19
CA THR D 71 30.06 15.72 3.32
C THR D 71 28.55 15.78 3.41
N VAL D 72 28.02 15.94 4.62
CA VAL D 72 26.59 15.98 4.82
C VAL D 72 25.83 16.95 3.93
N GLY D 73 24.88 16.41 3.18
CA GLY D 73 24.06 17.22 2.28
C GLY D 73 24.74 17.61 0.99
N GLY D 74 25.96 17.10 0.77
CA GLY D 74 26.68 17.44 -0.44
C GLY D 74 26.45 16.48 -1.60
N VAL D 75 26.95 16.86 -2.76
CA VAL D 75 26.82 16.04 -3.96
C VAL D 75 28.08 15.17 -4.07
N GLU D 76 27.95 13.88 -3.79
CA GLU D 76 29.08 12.95 -3.85
C GLU D 76 28.96 11.99 -5.02
N LEU D 77 29.91 12.09 -5.94
CA LEU D 77 29.93 11.24 -7.13
C LEU D 77 31.30 10.56 -7.24
N PRO D 78 31.35 9.34 -7.80
CA PRO D 78 30.25 8.55 -8.33
C PRO D 78 29.46 7.90 -7.20
N VAL D 79 28.16 7.76 -7.41
CA VAL D 79 27.27 7.19 -6.40
C VAL D 79 27.73 5.81 -5.92
N ALA D 80 28.26 5.01 -6.84
CA ALA D 80 28.71 3.67 -6.54
C ALA D 80 29.84 3.60 -5.51
N ALA D 81 30.59 4.69 -5.38
CA ALA D 81 31.71 4.72 -4.45
C ALA D 81 31.28 5.07 -3.03
N TRP D 82 30.06 5.57 -2.89
CA TRP D 82 29.56 5.99 -1.58
C TRP D 82 28.44 5.16 -1.00
N ARG D 83 28.17 3.99 -1.57
CA ARG D 83 27.08 3.17 -1.07
C ARG D 83 27.28 1.66 -1.13
N SER D 84 26.74 0.99 -0.13
CA SER D 84 26.81 -0.46 -0.04
C SER D 84 25.39 -0.98 -0.21
N TYR D 85 25.23 -2.09 -0.93
CA TYR D 85 23.90 -2.65 -1.15
C TYR D 85 23.79 -4.08 -0.65
N LEU D 86 22.73 -4.35 0.08
CA LEU D 86 22.47 -5.67 0.61
C LEU D 86 21.19 -6.20 -0.01
N ASN D 87 21.26 -7.39 -0.59
CA ASN D 87 20.11 -8.01 -1.21
C ASN D 87 19.87 -9.35 -0.51
N MET D 88 18.68 -9.52 0.05
CA MET D 88 18.34 -10.75 0.76
C MET D 88 17.07 -11.38 0.20
N GLU D 89 17.10 -12.68 0.00
CA GLU D 89 15.93 -13.40 -0.49
C GLU D 89 15.77 -14.62 0.39
N LEU D 90 14.64 -14.69 1.07
CA LEU D 90 14.32 -15.79 1.97
C LEU D 90 13.15 -16.58 1.41
N THR D 91 13.42 -17.85 1.09
CA THR D 91 12.40 -18.75 0.54
C THR D 91 11.90 -19.68 1.64
N ILE D 92 10.61 -19.65 1.92
CA ILE D 92 10.01 -20.50 2.95
C ILE D 92 8.88 -21.36 2.39
N PRO D 93 9.03 -22.70 2.43
CA PRO D 93 8.00 -23.62 1.94
C PRO D 93 6.67 -23.35 2.63
N ILE D 94 5.56 -23.49 1.90
CA ILE D 94 4.24 -23.24 2.46
C ILE D 94 3.82 -24.08 3.66
N PHE D 95 4.62 -25.07 4.02
CA PHE D 95 4.29 -25.93 5.17
C PHE D 95 4.84 -25.40 6.47
N ALA D 96 5.67 -24.35 6.38
CA ALA D 96 6.28 -23.77 7.57
C ALA D 96 5.25 -23.14 8.48
N THR D 97 5.27 -23.54 9.75
CA THR D 97 4.35 -22.98 10.73
C THR D 97 5.01 -21.75 11.32
N ASN D 98 4.31 -21.06 12.22
CA ASN D 98 4.87 -19.87 12.83
C ASN D 98 6.13 -20.24 13.61
N SER D 99 6.09 -21.39 14.26
CA SER D 99 7.23 -21.89 15.03
C SER D 99 8.42 -22.12 14.12
N ASP D 100 8.17 -22.79 12.99
CA ASP D 100 9.22 -23.05 12.04
C ASP D 100 9.86 -21.72 11.65
N CYS D 101 9.01 -20.74 11.35
CA CYS D 101 9.48 -19.41 10.95
C CYS D 101 10.26 -18.68 12.03
N GLU D 102 9.94 -18.94 13.29
CA GLU D 102 10.66 -18.31 14.38
C GLU D 102 12.08 -18.84 14.40
N LEU D 103 12.21 -20.14 14.16
CA LEU D 103 13.52 -20.78 14.13
C LEU D 103 14.36 -20.22 13.01
N ILE D 104 13.72 -19.98 11.86
CA ILE D 104 14.41 -19.43 10.70
C ILE D 104 14.95 -18.04 11.05
N VAL D 105 14.15 -17.26 11.77
CA VAL D 105 14.60 -15.92 12.15
C VAL D 105 15.78 -16.03 13.11
N LYS D 106 15.72 -16.98 14.04
CA LYS D 106 16.80 -17.18 15.00
C LYS D 106 18.09 -17.51 14.28
N ALA D 107 18.00 -18.36 13.27
CA ALA D 107 19.17 -18.74 12.49
C ALA D 107 19.80 -17.50 11.84
N MET D 108 18.95 -16.61 11.34
CA MET D 108 19.43 -15.38 10.70
C MET D 108 20.13 -14.49 11.73
N GLN D 109 19.58 -14.44 12.94
CA GLN D 109 20.16 -13.64 14.00
C GLN D 109 21.51 -14.23 14.40
N GLY D 110 21.57 -15.55 14.49
CA GLY D 110 22.81 -16.21 14.87
C GLY D 110 23.92 -16.00 13.84
N LEU D 111 23.55 -16.06 12.57
CA LEU D 111 24.52 -15.88 11.50
C LEU D 111 25.27 -14.55 11.64
N LEU D 112 24.57 -13.52 12.07
CA LEU D 112 25.15 -12.18 12.20
C LEU D 112 25.49 -11.69 13.60
N LYS D 113 25.38 -12.57 14.60
CA LYS D 113 25.70 -12.15 15.95
C LYS D 113 27.15 -11.67 16.04
N ASP D 114 27.37 -10.67 16.89
CA ASP D 114 28.70 -10.12 17.08
C ASP D 114 29.70 -11.20 17.46
N GLY D 115 30.88 -11.15 16.86
CA GLY D 115 31.90 -12.12 17.17
C GLY D 115 31.92 -13.36 16.30
N ASN D 116 30.84 -13.58 15.54
CA ASN D 116 30.80 -14.76 14.69
C ASN D 116 31.61 -14.51 13.42
N PRO D 117 31.99 -15.58 12.72
CA PRO D 117 32.78 -15.49 11.49
C PRO D 117 32.38 -14.44 10.45
N ILE D 118 31.19 -14.59 9.88
CA ILE D 118 30.72 -13.67 8.85
C ILE D 118 30.76 -12.18 9.23
N PRO D 119 30.07 -11.79 10.32
CA PRO D 119 30.13 -10.36 10.66
C PRO D 119 31.56 -9.88 10.92
N SER D 120 32.38 -10.75 11.50
CA SER D 120 33.77 -10.41 11.80
C SER D 120 34.57 -10.16 10.54
N ALA D 121 34.34 -11.01 9.53
CA ALA D 121 35.05 -10.89 8.26
C ALA D 121 34.65 -9.59 7.56
N ILE D 122 33.35 -9.36 7.42
CA ILE D 122 32.83 -8.16 6.77
C ILE D 122 33.36 -6.89 7.43
N ALA D 123 33.32 -6.86 8.76
CA ALA D 123 33.77 -5.69 9.50
C ALA D 123 35.26 -5.45 9.39
N ALA D 124 36.01 -6.49 9.06
CA ALA D 124 37.47 -6.36 8.96
C ALA D 124 37.93 -6.26 7.52
N ASN D 125 37.01 -5.91 6.62
CA ASN D 125 37.33 -5.78 5.20
C ASN D 125 38.08 -7.01 4.71
N SER D 126 37.67 -8.19 5.16
CA SER D 126 38.36 -9.41 4.74
C SER D 126 37.46 -10.61 4.45
N GLY D 127 38.09 -11.73 4.08
CA GLY D 127 37.35 -12.94 3.77
C GLY D 127 37.54 -13.97 4.86
N ILE D 128 37.44 -15.26 4.51
CA ILE D 128 37.61 -16.35 5.46
C ILE D 128 39.02 -16.92 5.31
N TYR D 129 39.64 -17.27 6.44
CA TYR D 129 41.00 -17.82 6.42
C TYR D 129 41.33 -18.59 7.70
N ALA E 1 -4.42 7.09 7.08
CA ALA E 1 -5.63 6.23 6.85
C ALA E 1 -5.27 4.99 6.03
N SER E 2 -5.95 3.88 6.32
CA SER E 2 -5.71 2.64 5.60
C SER E 2 -6.75 1.57 5.92
N ASN E 3 -7.28 0.94 4.88
CA ASN E 3 -8.25 -0.11 5.09
C ASN E 3 -7.62 -1.46 4.71
N PHE E 4 -6.34 -1.41 4.37
CA PHE E 4 -5.60 -2.62 4.05
C PHE E 4 -4.96 -3.10 5.34
N THR E 5 -5.80 -3.50 6.28
CA THR E 5 -5.34 -3.98 7.58
C THR E 5 -5.98 -5.31 7.89
N GLN E 6 -5.62 -5.89 9.02
CA GLN E 6 -6.17 -7.18 9.39
C GLN E 6 -7.57 -7.05 9.97
N PHE E 7 -8.37 -8.09 9.79
CA PHE E 7 -9.72 -8.12 10.29
C PHE E 7 -10.13 -9.55 10.59
N VAL E 8 -11.23 -9.71 11.32
CA VAL E 8 -11.74 -11.02 11.65
C VAL E 8 -12.65 -11.55 10.56
N LEU E 9 -12.24 -12.65 9.95
CA LEU E 9 -13.01 -13.27 8.88
C LEU E 9 -14.08 -14.17 9.45
N VAL E 10 -13.71 -14.94 10.48
CA VAL E 10 -14.65 -15.85 11.12
C VAL E 10 -14.74 -15.48 12.59
N ASP E 11 -15.93 -15.09 13.02
CA ASP E 11 -16.17 -14.71 14.40
C ASP E 11 -16.70 -15.89 15.19
N ASN E 12 -15.84 -16.50 16.00
CA ASN E 12 -16.22 -17.64 16.82
C ASN E 12 -16.20 -17.21 18.27
N GLY E 13 -17.16 -16.38 18.65
CA GLY E 13 -17.21 -15.91 20.01
C GLY E 13 -16.11 -14.87 20.20
N GLY E 14 -14.99 -15.29 20.75
CA GLY E 14 -13.88 -14.37 20.96
C GLY E 14 -12.57 -15.08 21.12
N THR E 15 -12.56 -16.38 20.86
CA THR E 15 -11.35 -17.17 21.00
C THR E 15 -10.91 -17.83 19.69
N GLY E 16 -11.69 -18.81 19.23
CA GLY E 16 -11.36 -19.49 17.99
C GLY E 16 -11.60 -18.65 16.75
N ASP E 17 -11.42 -17.33 16.90
CA ASP E 17 -11.62 -16.38 15.81
C ASP E 17 -10.56 -16.55 14.74
N VAL E 18 -10.99 -16.49 13.48
CA VAL E 18 -10.04 -16.61 12.38
C VAL E 18 -9.75 -15.19 11.92
N THR E 19 -8.50 -14.79 12.08
CA THR E 19 -8.08 -13.46 11.68
C THR E 19 -7.26 -13.56 10.41
N VAL E 20 -7.46 -12.59 9.54
CA VAL E 20 -6.77 -12.57 8.28
C VAL E 20 -5.97 -11.26 8.23
N ALA E 21 -4.69 -11.34 7.84
CA ALA E 21 -3.82 -10.15 7.78
C ALA E 21 -3.23 -9.84 6.42
N PRO E 22 -2.97 -8.55 6.14
CA PRO E 22 -2.39 -8.17 4.85
C PRO E 22 -1.14 -8.97 4.53
N SER E 23 -1.01 -9.40 3.29
CA SER E 23 0.15 -10.19 2.90
C SER E 23 0.84 -9.62 1.66
N ASN E 24 0.04 -9.19 0.69
CA ASN E 24 0.61 -8.66 -0.53
C ASN E 24 -0.41 -7.79 -1.27
N PHE E 25 0.06 -6.75 -1.94
CA PHE E 25 -0.80 -5.84 -2.68
C PHE E 25 -0.14 -5.47 -3.99
N ALA E 26 0.16 -6.46 -4.81
CA ALA E 26 0.80 -6.19 -6.09
C ALA E 26 -0.17 -6.31 -7.25
N ASN E 27 0.03 -5.47 -8.25
CA ASN E 27 -0.79 -5.46 -9.45
C ASN E 27 -2.26 -5.21 -9.16
N GLY E 28 -2.52 -4.26 -8.27
CA GLY E 28 -3.89 -3.92 -7.94
C GLY E 28 -4.72 -5.02 -7.27
N VAL E 29 -4.06 -6.04 -6.75
CA VAL E 29 -4.80 -7.11 -6.07
C VAL E 29 -4.35 -7.22 -4.62
N ALA E 30 -5.24 -6.83 -3.71
CA ALA E 30 -4.94 -6.89 -2.29
C ALA E 30 -5.20 -8.32 -1.82
N GLU E 31 -4.28 -8.86 -1.03
CA GLU E 31 -4.41 -10.22 -0.52
C GLU E 31 -4.21 -10.28 0.98
N TRP E 32 -5.08 -11.02 1.66
CA TRP E 32 -5.03 -11.21 3.11
C TRP E 32 -4.87 -12.72 3.35
N ILE E 33 -4.09 -13.09 4.35
CA ILE E 33 -3.87 -14.50 4.69
C ILE E 33 -3.89 -14.69 6.20
N SER E 34 -4.41 -15.81 6.66
CA SER E 34 -4.44 -16.09 8.11
C SER E 34 -3.06 -16.61 8.51
N SER E 35 -2.75 -16.58 9.80
CA SER E 35 -1.44 -17.04 10.27
C SER E 35 -1.17 -18.55 10.20
N ASN E 36 0.10 -18.88 10.44
CA ASN E 36 0.60 -20.25 10.41
C ASN E 36 0.74 -20.80 9.00
N SER E 37 1.00 -22.09 8.89
CA SER E 37 1.18 -22.74 7.59
C SER E 37 0.34 -22.13 6.48
N ARG E 38 1.03 -21.58 5.49
CA ARG E 38 0.35 -20.97 4.34
C ARG E 38 -0.51 -22.04 3.66
N SER E 39 -0.07 -23.29 3.75
CA SER E 39 -0.79 -24.40 3.16
C SER E 39 -2.17 -24.66 3.78
N GLN E 40 -2.38 -24.17 5.01
CA GLN E 40 -3.64 -24.36 5.70
C GLN E 40 -4.34 -23.04 6.00
N ALA E 41 -3.91 -21.98 5.34
CA ALA E 41 -4.46 -20.65 5.62
C ALA E 41 -5.70 -20.24 4.85
N TYR E 42 -6.46 -19.33 5.44
CA TYR E 42 -7.64 -18.77 4.80
C TYR E 42 -7.06 -17.68 3.93
N LYS E 43 -7.66 -17.45 2.76
CA LYS E 43 -7.17 -16.43 1.84
C LYS E 43 -8.31 -15.53 1.38
N VAL E 44 -8.03 -14.25 1.25
CA VAL E 44 -9.03 -13.29 0.80
C VAL E 44 -8.33 -12.33 -0.14
N THR E 45 -8.89 -12.10 -1.31
CA THR E 45 -8.30 -11.16 -2.25
C THR E 45 -9.37 -10.22 -2.73
N CYS E 46 -8.97 -9.02 -3.14
CA CYS E 46 -9.91 -8.01 -3.58
C CYS E 46 -9.27 -7.04 -4.57
N SER E 47 -10.05 -6.62 -5.56
CA SER E 47 -9.56 -5.67 -6.55
C SER E 47 -10.70 -4.90 -7.22
N VAL E 48 -10.39 -3.72 -7.74
CA VAL E 48 -11.39 -2.89 -8.42
C VAL E 48 -10.81 -2.47 -9.74
N ARG E 49 -11.68 -2.31 -10.72
CA ARG E 49 -11.24 -1.88 -12.03
C ARG E 49 -12.42 -1.26 -12.74
N GLN E 50 -12.15 -0.51 -13.80
CA GLN E 50 -13.21 0.11 -14.58
C GLN E 50 -13.52 -0.89 -15.69
N SER E 51 -14.49 -1.76 -15.44
CA SER E 51 -14.87 -2.78 -16.39
C SER E 51 -15.32 -2.19 -17.74
N SER E 52 -15.90 -1.01 -17.69
CA SER E 52 -16.36 -0.35 -18.89
C SER E 52 -16.55 1.14 -18.64
N ALA E 53 -17.05 1.84 -19.65
CA ALA E 53 -17.27 3.28 -19.57
C ALA E 53 -18.02 3.75 -18.34
N GLN E 54 -19.16 3.09 -18.04
CA GLN E 54 -19.98 3.49 -16.91
C GLN E 54 -19.90 2.59 -15.70
N ASN E 55 -19.22 1.46 -15.84
CA ASN E 55 -19.14 0.52 -14.73
C ASN E 55 -17.80 0.35 -14.05
N ARG E 56 -17.84 0.24 -12.74
CA ARG E 56 -16.66 -0.05 -11.94
C ARG E 56 -16.97 -1.45 -11.44
N LYS E 57 -15.99 -2.34 -11.49
CA LYS E 57 -16.22 -3.72 -11.09
C LYS E 57 -15.30 -4.22 -9.98
N TYR E 58 -15.89 -4.81 -8.94
CA TYR E 58 -15.13 -5.36 -7.83
C TYR E 58 -15.06 -6.87 -8.01
N THR E 59 -13.89 -7.45 -7.73
CA THR E 59 -13.72 -8.88 -7.81
C THR E 59 -13.15 -9.34 -6.47
N ILE E 60 -13.94 -10.12 -5.73
CA ILE E 60 -13.53 -10.60 -4.41
C ILE E 60 -13.46 -12.12 -4.40
N LYS E 61 -12.47 -12.66 -3.71
CA LYS E 61 -12.31 -14.11 -3.61
C LYS E 61 -11.99 -14.51 -2.18
N VAL E 62 -12.53 -15.64 -1.77
CA VAL E 62 -12.30 -16.16 -0.42
C VAL E 62 -12.10 -17.67 -0.51
N GLU E 63 -11.15 -18.18 0.28
CA GLU E 63 -10.86 -19.61 0.31
C GLU E 63 -10.95 -20.09 1.75
N VAL E 64 -11.77 -21.11 1.99
CA VAL E 64 -11.91 -21.67 3.33
C VAL E 64 -11.32 -23.07 3.25
N PRO E 65 -10.25 -23.33 4.03
CA PRO E 65 -9.64 -24.65 4.01
C PRO E 65 -10.17 -25.62 5.04
N LYS E 66 -9.96 -26.90 4.75
CA LYS E 66 -10.34 -27.98 5.65
C LYS E 66 -8.99 -28.48 6.13
N VAL E 67 -8.59 -28.01 7.31
CA VAL E 67 -7.30 -28.38 7.89
C VAL E 67 -7.12 -29.87 8.12
N ALA E 68 -5.95 -30.37 7.74
CA ALA E 68 -5.65 -31.79 7.91
C ALA E 68 -4.15 -32.05 7.85
N THR E 69 -3.75 -33.22 8.34
CA THR E 69 -2.35 -33.62 8.32
C THR E 69 -2.19 -34.70 7.26
N GLN E 70 -1.18 -34.56 6.42
CA GLN E 70 -0.95 -35.55 5.39
C GLN E 70 0.29 -36.35 5.70
N THR E 71 0.14 -37.66 5.84
CA THR E 71 1.26 -38.54 6.12
C THR E 71 1.60 -39.36 4.89
N VAL E 72 2.85 -39.28 4.45
CA VAL E 72 3.30 -40.01 3.28
C VAL E 72 4.76 -40.42 3.46
N GLY E 73 5.00 -41.72 3.56
CA GLY E 73 6.35 -42.21 3.75
C GLY E 73 6.77 -42.03 5.18
N GLY E 74 5.80 -41.73 6.05
CA GLY E 74 6.11 -41.53 7.45
C GLY E 74 6.39 -40.08 7.73
N VAL E 75 6.33 -39.27 6.67
CA VAL E 75 6.57 -37.83 6.77
C VAL E 75 5.23 -37.11 6.77
N GLU E 76 4.89 -36.45 7.86
CA GLU E 76 3.62 -35.74 7.88
C GLU E 76 3.75 -34.22 7.72
N LEU E 77 2.93 -33.67 6.84
CA LEU E 77 2.92 -32.24 6.57
C LEU E 77 1.55 -31.64 6.81
N PRO E 78 1.52 -30.35 7.18
CA PRO E 78 0.23 -29.68 7.43
C PRO E 78 -0.31 -29.27 6.06
N VAL E 79 -1.49 -29.75 5.73
CA VAL E 79 -2.10 -29.43 4.44
C VAL E 79 -3.57 -29.12 4.61
N ALA E 80 -4.24 -28.92 3.47
CA ALA E 80 -5.67 -28.67 3.47
C ALA E 80 -6.27 -29.84 2.70
N ALA E 81 -7.08 -30.65 3.39
CA ALA E 81 -7.73 -31.81 2.77
C ALA E 81 -8.41 -31.35 1.48
N TRP E 82 -9.06 -30.19 1.55
CA TRP E 82 -9.73 -29.58 0.41
C TRP E 82 -10.04 -28.13 0.77
N ARG E 83 -10.53 -27.38 -0.20
CA ARG E 83 -10.85 -25.98 0.02
C ARG E 83 -12.20 -25.63 -0.60
N SER E 84 -12.87 -24.68 0.03
CA SER E 84 -14.15 -24.18 -0.47
C SER E 84 -13.79 -22.86 -1.13
N TYR E 85 -14.23 -22.64 -2.37
CA TYR E 85 -13.90 -21.41 -3.08
C TYR E 85 -15.09 -20.49 -3.37
N LEU E 86 -14.99 -19.24 -2.92
CA LEU E 86 -16.04 -18.26 -3.16
C LEU E 86 -15.51 -17.16 -4.08
N ASN E 87 -16.16 -16.96 -5.22
CA ASN E 87 -15.74 -15.92 -6.15
C ASN E 87 -16.93 -15.01 -6.40
N MET E 88 -16.79 -13.72 -6.13
CA MET E 88 -17.89 -12.80 -6.41
C MET E 88 -17.46 -11.56 -7.16
N GLU E 89 -18.35 -11.10 -8.03
CA GLU E 89 -18.13 -9.91 -8.84
C GLU E 89 -19.28 -8.95 -8.62
N LEU E 90 -18.96 -7.71 -8.28
CA LEU E 90 -19.96 -6.70 -8.03
C LEU E 90 -19.74 -5.52 -8.97
N THR E 91 -20.76 -5.20 -9.77
CA THR E 91 -20.70 -4.10 -10.73
C THR E 91 -21.52 -2.91 -10.26
N ILE E 92 -20.89 -1.74 -10.18
CA ILE E 92 -21.57 -0.53 -9.74
C ILE E 92 -21.34 0.63 -10.72
N PRO E 93 -22.43 1.18 -11.31
CA PRO E 93 -22.30 2.28 -12.25
C PRO E 93 -21.70 3.53 -11.58
N ILE E 94 -20.94 4.31 -12.35
CA ILE E 94 -20.30 5.51 -11.83
C ILE E 94 -21.25 6.60 -11.34
N PHE E 95 -22.56 6.39 -11.54
CA PHE E 95 -23.55 7.37 -11.10
C PHE E 95 -23.94 7.14 -9.65
N ALA E 96 -23.54 6.00 -9.10
CA ALA E 96 -23.87 5.66 -7.73
C ALA E 96 -23.16 6.58 -6.75
N THR E 97 -23.93 7.14 -5.84
CA THR E 97 -23.38 8.02 -4.82
C THR E 97 -22.99 7.15 -3.65
N ASN E 98 -22.54 7.77 -2.55
CA ASN E 98 -22.14 6.99 -1.39
C ASN E 98 -23.35 6.33 -0.74
N SER E 99 -24.50 7.02 -0.78
CA SER E 99 -25.72 6.47 -0.20
C SER E 99 -26.16 5.25 -1.00
N ASP E 100 -26.04 5.33 -2.31
CA ASP E 100 -26.42 4.22 -3.18
C ASP E 100 -25.54 3.00 -2.85
N CYS E 101 -24.27 3.25 -2.57
CA CYS E 101 -23.33 2.18 -2.25
C CYS E 101 -23.58 1.58 -0.88
N GLU E 102 -23.99 2.41 0.07
CA GLU E 102 -24.28 1.95 1.42
C GLU E 102 -25.43 0.96 1.33
N LEU E 103 -26.37 1.26 0.45
CA LEU E 103 -27.54 0.42 0.23
C LEU E 103 -27.16 -0.91 -0.38
N ILE E 104 -26.26 -0.87 -1.36
CA ILE E 104 -25.78 -2.08 -2.01
C ILE E 104 -25.16 -3.00 -0.97
N VAL E 105 -24.39 -2.42 -0.05
CA VAL E 105 -23.76 -3.21 1.00
C VAL E 105 -24.80 -3.81 1.93
N LYS E 106 -25.81 -3.02 2.28
CA LYS E 106 -26.88 -3.50 3.15
C LYS E 106 -27.57 -4.71 2.52
N ALA E 107 -27.77 -4.65 1.20
CA ALA E 107 -28.41 -5.74 0.48
C ALA E 107 -27.57 -7.01 0.58
N MET E 108 -26.26 -6.86 0.45
CA MET E 108 -25.36 -8.01 0.54
C MET E 108 -25.39 -8.60 1.94
N GLN E 109 -25.40 -7.73 2.94
CA GLN E 109 -25.43 -8.17 4.32
C GLN E 109 -26.75 -8.89 4.61
N GLY E 110 -27.84 -8.34 4.10
CA GLY E 110 -29.14 -8.96 4.30
C GLY E 110 -29.24 -10.33 3.66
N LEU E 111 -28.73 -10.44 2.44
CA LEU E 111 -28.76 -11.69 1.71
C LEU E 111 -28.19 -12.86 2.53
N LEU E 112 -27.16 -12.59 3.33
CA LEU E 112 -26.52 -13.63 4.12
C LEU E 112 -26.84 -13.63 5.62
N LYS E 113 -27.76 -12.78 6.06
CA LYS E 113 -28.11 -12.74 7.48
C LYS E 113 -28.60 -14.11 7.96
N ASP E 114 -28.24 -14.46 9.19
CA ASP E 114 -28.65 -15.73 9.78
C ASP E 114 -30.16 -15.92 9.72
N GLY E 115 -30.59 -17.09 9.27
CA GLY E 115 -32.01 -17.36 9.19
C GLY E 115 -32.65 -17.18 7.84
N ASN E 116 -32.00 -16.40 6.97
CA ASN E 116 -32.54 -16.18 5.64
C ASN E 116 -32.31 -17.41 4.77
N PRO E 117 -33.10 -17.55 3.69
CA PRO E 117 -33.00 -18.69 2.78
C PRO E 117 -31.61 -19.13 2.31
N ILE E 118 -30.89 -18.23 1.65
CA ILE E 118 -29.57 -18.56 1.12
C ILE E 118 -28.57 -19.12 2.16
N PRO E 119 -28.29 -18.35 3.23
CA PRO E 119 -27.33 -18.88 4.21
C PRO E 119 -27.80 -20.18 4.84
N SER E 120 -29.10 -20.32 5.03
CA SER E 120 -29.66 -21.52 5.64
C SER E 120 -29.43 -22.75 4.78
N ALA E 121 -29.63 -22.60 3.47
CA ALA E 121 -29.44 -23.69 2.55
C ALA E 121 -27.98 -24.14 2.53
N ILE E 122 -27.08 -23.18 2.38
CA ILE E 122 -25.64 -23.47 2.34
C ILE E 122 -25.17 -24.16 3.62
N ALA E 123 -25.58 -23.63 4.76
CA ALA E 123 -25.18 -24.20 6.04
C ALA E 123 -25.70 -25.61 6.25
N ALA E 124 -26.62 -26.04 5.40
CA ALA E 124 -27.20 -27.37 5.55
C ALA E 124 -27.01 -28.30 4.37
N ASN E 125 -26.01 -28.03 3.53
CA ASN E 125 -25.77 -28.89 2.38
C ASN E 125 -27.03 -28.99 1.52
N SER E 126 -27.92 -28.01 1.63
CA SER E 126 -29.16 -28.04 0.87
C SER E 126 -29.28 -26.98 -0.21
N GLY E 127 -30.37 -27.07 -0.97
CA GLY E 127 -30.67 -26.11 -2.00
C GLY E 127 -31.96 -25.44 -1.59
N ILE E 128 -32.74 -24.95 -2.55
CA ILE E 128 -34.00 -24.30 -2.22
C ILE E 128 -35.14 -25.31 -2.34
N TYR E 129 -36.13 -25.19 -1.45
CA TYR E 129 -37.27 -26.10 -1.48
C TYR E 129 -38.51 -25.46 -0.84
#